data_6TXS
#
_entry.id   6TXS
#
_cell.length_a   119.967
_cell.length_b   119.967
_cell.length_c   64.596
_cell.angle_alpha   90.000
_cell.angle_beta   90.000
_cell.angle_gamma   90.000
#
_symmetry.space_group_name_H-M   'I 41'
#
loop_
_entity.id
_entity.type
_entity.pdbx_description
1 polymer Moesin
2 polymer 'CD44 antigen'
3 water water
#
loop_
_entity_poly.entity_id
_entity_poly.type
_entity_poly.pdbx_seq_one_letter_code
_entity_poly.pdbx_strand_id
1 'polypeptide(L)'
;SMPKTISVRVTTMDAELEFAIQPNTTGKQLFDQVVKTIGLREVWFFGLQYQDTKGFSTWLKLNKKVTAQDVRKESPLLFK
FRAKFYPEDVSEELIQDITQRLFFLQVKEGILNDDIYCPPETAVLLASYAVQSKYGDFNKEVHKSGYLAGDKLLPQRVLE
QHKLNKDQWEERIQVWHEEHRGMLREDAVLEYLKIAQDLEMYGVNYFSIKNKKGSELWLGVDALGLNIYEQNDRLTPKIG
FPWSEIRNISFNDKKFVIKPIDKKAPDFVFYAPRLRINKRILALCMGNHELYMRRRKPDTIEVQQMKAQAREEKHQKQME
RAMLENEKKKREMAEKEKEKIEREKEE
;
AAA
2 'polypeptide(L)' QKKKLVIN BBB
#
# COMPACT_ATOMS: atom_id res chain seq x y z
N LYS A 4 -27.21 -18.77 13.21
CA LYS A 4 -26.78 -17.82 14.28
C LYS A 4 -25.63 -16.95 13.74
N THR A 5 -25.78 -16.43 12.51
CA THR A 5 -24.68 -15.86 11.70
C THR A 5 -24.44 -14.40 12.11
N ILE A 6 -23.18 -14.07 12.38
CA ILE A 6 -22.68 -12.68 12.62
C ILE A 6 -22.39 -12.05 11.26
N SER A 7 -22.84 -10.82 11.04
CA SER A 7 -22.64 -10.11 9.76
C SER A 7 -21.37 -9.27 9.85
N VAL A 8 -20.57 -9.28 8.80
CA VAL A 8 -19.25 -8.59 8.76
C VAL A 8 -19.22 -7.80 7.47
N ARG A 9 -18.63 -6.62 7.54
CA ARG A 9 -18.31 -5.82 6.35
C ARG A 9 -16.79 -5.71 6.26
N VAL A 10 -16.28 -5.98 5.06
CA VAL A 10 -14.83 -5.85 4.72
C VAL A 10 -14.76 -4.82 3.59
N THR A 11 -14.01 -3.76 3.80
CA THR A 11 -13.79 -2.71 2.78
C THR A 11 -12.34 -2.77 2.31
N THR A 12 -12.15 -3.09 1.05
CA THR A 12 -10.85 -2.87 0.37
C THR A 12 -10.78 -1.40 0.00
N MET A 13 -9.67 -0.95 -0.56
CA MET A 13 -9.45 0.44 -1.00
C MET A 13 -10.47 0.89 -2.07
N ASP A 14 -11.15 -0.01 -2.79
CA ASP A 14 -12.19 0.43 -3.77
C ASP A 14 -13.33 -0.58 -3.92
N ALA A 15 -13.66 -1.35 -2.89
CA ALA A 15 -14.84 -2.23 -2.94
C ALA A 15 -15.26 -2.60 -1.54
N GLU A 16 -16.52 -2.99 -1.43
CA GLU A 16 -17.17 -3.31 -0.14
C GLU A 16 -17.78 -4.70 -0.23
N LEU A 17 -17.57 -5.49 0.82
CA LEU A 17 -18.01 -6.89 0.90
C LEU A 17 -18.75 -7.11 2.21
N GLU A 18 -19.88 -7.80 2.15
CA GLU A 18 -20.64 -8.36 3.30
C GLU A 18 -20.43 -9.88 3.29
N PHE A 19 -20.11 -10.45 4.44
CA PHE A 19 -20.20 -11.91 4.69
C PHE A 19 -21.08 -12.13 5.90
N ALA A 20 -21.56 -13.35 6.03
CA ALA A 20 -22.32 -13.83 7.19
C ALA A 20 -21.55 -15.02 7.75
N ILE A 21 -20.67 -14.77 8.71
CA ILE A 21 -19.71 -15.78 9.25
C ILE A 21 -20.41 -16.57 10.36
N GLN A 22 -19.87 -17.74 10.72
CA GLN A 22 -20.31 -18.54 11.89
C GLN A 22 -19.63 -17.93 13.10
N PRO A 23 -20.08 -18.22 14.34
CA PRO A 23 -19.44 -17.64 15.54
C PRO A 23 -18.06 -18.24 15.86
N ASN A 24 -17.69 -19.34 15.22
CA ASN A 24 -16.39 -20.00 15.46
C ASN A 24 -15.45 -19.75 14.27
N THR A 25 -15.80 -18.83 13.36
CA THR A 25 -15.01 -18.54 12.14
C THR A 25 -13.69 -17.89 12.58
N THR A 26 -12.59 -18.34 12.01
CA THR A 26 -11.22 -17.83 12.30
C THR A 26 -10.99 -16.60 11.45
N GLY A 27 -10.09 -15.70 11.83
CA GLY A 27 -9.61 -14.67 10.88
C GLY A 27 -9.28 -15.29 9.53
N LYS A 28 -8.48 -16.38 9.54
CA LYS A 28 -8.00 -17.09 8.34
C LYS A 28 -9.15 -17.41 7.38
N GLN A 29 -10.22 -17.99 7.91
CA GLN A 29 -11.37 -18.39 7.06
C GLN A 29 -12.02 -17.15 6.45
N LEU A 30 -12.10 -16.04 7.17
CA LEU A 30 -12.75 -14.80 6.66
C LEU A 30 -11.82 -14.20 5.62
N PHE A 31 -10.55 -14.07 5.95
CA PHE A 31 -9.49 -13.59 5.04
C PHE A 31 -9.59 -14.36 3.72
N ASP A 32 -9.69 -15.68 3.78
CA ASP A 32 -9.75 -16.57 2.59
C ASP A 32 -10.98 -16.21 1.75
N GLN A 33 -12.15 -16.01 2.37
CA GLN A 33 -13.39 -15.67 1.61
C GLN A 33 -13.17 -14.31 0.90
N VAL A 34 -12.49 -13.37 1.56
CA VAL A 34 -12.21 -12.00 1.01
C VAL A 34 -11.36 -12.11 -0.28
N VAL A 35 -10.11 -12.59 -0.17
CA VAL A 35 -9.15 -12.66 -1.31
C VAL A 35 -9.72 -13.53 -2.42
N LYS A 36 -10.52 -14.54 -2.07
CA LYS A 36 -11.17 -15.41 -3.07
C LYS A 36 -12.26 -14.61 -3.82
N THR A 37 -13.02 -13.79 -3.09
CA THR A 37 -14.14 -12.98 -3.66
C THR A 37 -13.62 -11.98 -4.71
N ILE A 38 -12.46 -11.35 -4.48
CA ILE A 38 -11.86 -10.29 -5.34
C ILE A 38 -10.73 -10.86 -6.21
N GLY A 39 -10.45 -12.16 -6.16
CA GLY A 39 -9.44 -12.77 -7.06
C GLY A 39 -8.02 -12.28 -6.80
N LEU A 40 -7.66 -11.97 -5.55
CA LEU A 40 -6.25 -11.76 -5.15
C LEU A 40 -5.64 -13.10 -4.72
N ARG A 41 -4.45 -13.42 -5.24
CA ARG A 41 -3.67 -14.61 -4.84
C ARG A 41 -2.35 -14.17 -4.21
N GLU A 42 -1.93 -12.92 -4.40
CA GLU A 42 -0.72 -12.40 -3.73
C GLU A 42 -1.08 -12.00 -2.29
N VAL A 43 -1.44 -12.98 -1.46
CA VAL A 43 -2.14 -12.73 -0.18
C VAL A 43 -1.12 -12.29 0.89
N TRP A 44 0.17 -12.57 0.70
CA TRP A 44 1.24 -12.43 1.73
C TRP A 44 1.33 -10.96 2.15
N PHE A 45 1.00 -10.00 1.30
CA PHE A 45 1.19 -8.56 1.64
C PHE A 45 0.09 -8.03 2.57
N PHE A 46 -1.08 -8.70 2.61
CA PHE A 46 -2.34 -8.08 3.11
C PHE A 46 -2.75 -8.62 4.50
N GLY A 47 -3.71 -7.93 5.12
CA GLY A 47 -4.29 -8.25 6.44
C GLY A 47 -5.68 -7.65 6.59
N LEU A 48 -6.38 -8.04 7.64
CA LEU A 48 -7.69 -7.46 8.02
C LEU A 48 -7.52 -6.56 9.24
N GLN A 49 -7.73 -5.25 9.05
CA GLN A 49 -7.60 -4.23 10.13
C GLN A 49 -8.98 -3.95 10.70
N TYR A 50 -9.03 -3.61 11.99
CA TYR A 50 -10.29 -3.36 12.74
C TYR A 50 -9.96 -2.47 13.93
N GLN A 51 -11.03 -1.93 14.53
CA GLN A 51 -11.00 -1.11 15.76
C GLN A 51 -11.38 -2.03 16.92
N ASP A 52 -10.51 -2.13 17.93
CA ASP A 52 -10.81 -2.90 19.17
C ASP A 52 -11.66 -2.02 20.10
N THR A 53 -12.09 -2.62 21.20
CA THR A 53 -13.10 -2.11 22.17
C THR A 53 -12.63 -0.76 22.75
N LYS A 54 -11.32 -0.47 22.71
CA LYS A 54 -10.69 0.73 23.31
C LYS A 54 -10.28 1.72 22.22
N GLY A 55 -10.66 1.42 20.97
CA GLY A 55 -10.34 2.23 19.77
C GLY A 55 -8.88 2.13 19.34
N PHE A 56 -8.19 1.04 19.64
CA PHE A 56 -6.90 0.78 18.96
C PHE A 56 -7.18 0.05 17.64
N SER A 57 -6.65 0.58 16.54
CA SER A 57 -6.66 -0.11 15.23
C SER A 57 -5.65 -1.27 15.31
N THR A 58 -6.14 -2.44 14.95
CA THR A 58 -5.57 -3.75 15.29
C THR A 58 -5.61 -4.66 14.04
N TRP A 59 -4.56 -5.43 13.81
CA TRP A 59 -4.59 -6.51 12.78
C TRP A 59 -5.36 -7.72 13.33
N LEU A 60 -6.30 -8.24 12.55
CA LEU A 60 -6.98 -9.51 12.89
C LEU A 60 -5.95 -10.65 12.86
N LYS A 61 -6.00 -11.56 13.84
CA LYS A 61 -5.08 -12.72 13.94
C LYS A 61 -5.79 -13.85 13.23
N LEU A 62 -5.14 -14.46 12.25
CA LEU A 62 -5.86 -15.40 11.35
C LEU A 62 -6.06 -16.76 12.07
N ASN A 63 -5.22 -17.10 13.04
CA ASN A 63 -5.29 -18.41 13.75
C ASN A 63 -6.23 -18.39 14.97
N LYS A 64 -7.15 -17.41 15.11
CA LYS A 64 -8.13 -17.42 16.22
C LYS A 64 -9.52 -17.03 15.74
N LYS A 65 -10.56 -17.46 16.47
CA LYS A 65 -11.98 -17.10 16.24
C LYS A 65 -12.04 -15.58 16.07
N VAL A 66 -12.76 -15.12 15.05
CA VAL A 66 -12.98 -13.66 14.80
C VAL A 66 -13.60 -13.03 16.06
N THR A 67 -14.64 -13.66 16.60
CA THR A 67 -15.43 -13.18 17.77
C THR A 67 -14.62 -13.15 19.05
N ALA A 68 -13.39 -13.66 19.09
CA ALA A 68 -12.66 -13.80 20.37
C ALA A 68 -11.58 -12.73 20.46
N GLN A 69 -11.62 -11.72 19.59
CA GLN A 69 -10.49 -10.78 19.39
C GLN A 69 -10.84 -9.34 19.77
N ASP A 70 -11.90 -9.12 20.55
CA ASP A 70 -12.25 -7.79 21.13
C ASP A 70 -12.56 -6.82 20.00
N VAL A 71 -13.33 -7.27 19.01
CA VAL A 71 -13.82 -6.40 17.91
C VAL A 71 -14.88 -5.48 18.53
N ARG A 72 -14.91 -4.21 18.12
CA ARG A 72 -15.94 -3.22 18.52
C ARG A 72 -17.31 -3.77 18.10
N LYS A 73 -18.25 -3.87 19.05
CA LYS A 73 -19.56 -4.53 18.85
C LYS A 73 -20.51 -3.61 18.07
N GLU A 74 -21.02 -4.12 16.95
CA GLU A 74 -21.94 -3.44 16.01
C GLU A 74 -22.24 -4.46 14.92
N SER A 75 -23.26 -4.23 14.11
CA SER A 75 -23.66 -5.13 13.00
C SER A 75 -23.79 -4.28 11.75
N PRO A 76 -22.88 -4.41 10.77
CA PRO A 76 -21.89 -5.49 10.75
C PRO A 76 -20.63 -5.11 11.52
N LEU A 77 -19.80 -6.10 11.87
CA LEU A 77 -18.37 -5.83 12.24
C LEU A 77 -17.68 -5.20 11.02
N LEU A 78 -16.77 -4.26 11.26
CA LEU A 78 -16.12 -3.46 10.20
C LEU A 78 -14.65 -3.86 10.13
N PHE A 79 -14.22 -4.40 8.98
CA PHE A 79 -12.77 -4.60 8.73
C PHE A 79 -12.34 -3.79 7.51
N LYS A 80 -11.11 -3.27 7.56
CA LYS A 80 -10.37 -2.70 6.41
C LYS A 80 -9.34 -3.72 5.90
N PHE A 81 -9.55 -4.24 4.69
CA PHE A 81 -8.52 -5.03 3.98
C PHE A 81 -7.42 -4.12 3.46
N ARG A 82 -6.20 -4.19 4.00
CA ARG A 82 -5.08 -3.28 3.66
C ARG A 82 -3.80 -4.08 3.54
N ALA A 83 -2.83 -3.48 2.85
CA ALA A 83 -1.44 -3.98 2.75
C ALA A 83 -0.77 -3.75 4.10
N LYS A 84 -0.28 -4.84 4.68
CA LYS A 84 0.50 -4.84 5.93
C LYS A 84 1.98 -4.73 5.57
N PHE A 85 2.39 -5.34 4.45
CA PHE A 85 3.80 -5.40 3.95
C PHE A 85 3.89 -4.90 2.50
N TYR A 86 5.03 -4.30 2.19
CA TYR A 86 5.41 -3.64 0.92
C TYR A 86 6.56 -4.43 0.31
N PRO A 87 6.56 -4.67 -1.02
CA PRO A 87 7.64 -5.37 -1.71
C PRO A 87 8.87 -4.47 -1.77
N GLU A 88 10.03 -5.00 -2.19
CA GLU A 88 11.26 -4.18 -2.38
C GLU A 88 11.17 -3.42 -3.70
N ASP A 89 10.63 -4.09 -4.73
CA ASP A 89 10.44 -3.49 -6.08
C ASP A 89 9.09 -3.93 -6.61
N VAL A 90 8.20 -2.95 -6.78
CA VAL A 90 6.82 -3.16 -7.29
C VAL A 90 6.90 -3.82 -8.68
N SER A 91 7.84 -3.39 -9.54
CA SER A 91 8.06 -3.99 -10.89
C SER A 91 8.33 -5.49 -10.78
N GLU A 92 9.25 -5.90 -9.91
CA GLU A 92 9.66 -7.33 -9.79
C GLU A 92 8.57 -8.19 -9.11
N GLU A 93 7.81 -7.68 -8.14
CA GLU A 93 7.06 -8.55 -7.18
C GLU A 93 5.55 -8.32 -7.17
N LEU A 94 5.02 -7.25 -7.75
CA LEU A 94 3.54 -7.11 -7.84
C LEU A 94 3.08 -7.66 -9.19
N ILE A 95 2.53 -8.87 -9.14
CA ILE A 95 2.18 -9.76 -10.30
C ILE A 95 0.82 -9.32 -10.89
N GLN A 96 -0.26 -9.40 -10.10
CA GLN A 96 -1.66 -9.21 -10.57
C GLN A 96 -2.03 -7.71 -10.63
N ASP A 97 -2.98 -7.39 -11.52
CA ASP A 97 -3.59 -6.04 -11.67
C ASP A 97 -4.25 -5.65 -10.35
N ILE A 98 -5.07 -6.53 -9.76
CA ILE A 98 -5.77 -6.20 -8.49
C ILE A 98 -4.72 -5.72 -7.47
N THR A 99 -3.59 -6.43 -7.36
CA THR A 99 -2.58 -6.19 -6.30
C THR A 99 -1.98 -4.79 -6.48
N GLN A 100 -1.62 -4.45 -7.70
CA GLN A 100 -1.07 -3.11 -8.01
C GLN A 100 -2.09 -2.05 -7.61
N ARG A 101 -3.35 -2.21 -8.03
CA ARG A 101 -4.40 -1.19 -7.80
C ARG A 101 -4.53 -0.98 -6.27
N LEU A 102 -4.70 -2.03 -5.46
CA LEU A 102 -4.90 -1.88 -3.99
C LEU A 102 -3.66 -1.20 -3.39
N PHE A 103 -2.46 -1.56 -3.84
CA PHE A 103 -1.24 -0.85 -3.39
C PHE A 103 -1.26 0.62 -3.81
N PHE A 104 -1.51 0.89 -5.09
CA PHE A 104 -1.65 2.27 -5.65
C PHE A 104 -2.60 3.09 -4.77
N LEU A 105 -3.83 2.59 -4.60
CA LEU A 105 -4.88 3.36 -3.87
C LEU A 105 -4.45 3.60 -2.42
N GLN A 106 -3.81 2.63 -1.78
CA GLN A 106 -3.45 2.74 -0.35
C GLN A 106 -2.31 3.75 -0.23
N VAL A 107 -1.40 3.76 -1.20
CA VAL A 107 -0.21 4.65 -1.13
C VAL A 107 -0.62 6.10 -1.47
N LYS A 108 -1.47 6.28 -2.48
CA LYS A 108 -2.05 7.61 -2.83
C LYS A 108 -2.79 8.23 -1.65
N GLU A 109 -3.62 7.45 -0.95
CA GLU A 109 -4.30 7.97 0.26
C GLU A 109 -3.23 8.55 1.20
N GLY A 110 -2.15 7.80 1.47
CA GLY A 110 -1.06 8.23 2.37
C GLY A 110 -0.36 9.50 1.89
N ILE A 111 -0.14 9.63 0.59
CA ILE A 111 0.51 10.82 -0.04
C ILE A 111 -0.44 12.01 0.15
N LEU A 112 -1.74 11.82 -0.14
CA LEU A 112 -2.75 12.90 -0.16
C LEU A 112 -2.99 13.43 1.26
N ASN A 113 -3.01 12.57 2.27
CA ASN A 113 -3.34 12.99 3.65
C ASN A 113 -2.05 13.35 4.39
N ASP A 114 -0.91 13.36 3.70
CA ASP A 114 0.42 13.77 4.24
C ASP A 114 1.00 12.72 5.18
N ASP A 115 0.41 11.53 5.30
CA ASP A 115 1.07 10.47 6.08
C ASP A 115 2.47 10.25 5.50
N ILE A 116 2.60 10.23 4.17
CA ILE A 116 3.88 9.93 3.47
C ILE A 116 4.35 11.21 2.79
N TYR A 117 5.53 11.71 3.15
CA TYR A 117 6.02 13.04 2.68
C TYR A 117 6.45 12.91 1.22
N CYS A 118 6.16 13.98 0.46
CA CYS A 118 6.31 14.06 -1.00
C CYS A 118 6.67 15.49 -1.39
N PRO A 119 7.85 15.73 -1.98
CA PRO A 119 8.13 17.02 -2.61
C PRO A 119 7.11 17.38 -3.70
N PRO A 120 6.86 18.69 -3.94
CA PRO A 120 5.87 19.15 -4.91
C PRO A 120 6.04 18.57 -6.32
N GLU A 121 7.23 18.70 -6.88
CA GLU A 121 7.47 18.30 -8.28
C GLU A 121 7.02 16.86 -8.43
N THR A 122 7.54 15.98 -7.57
CA THR A 122 7.15 14.55 -7.48
C THR A 122 5.66 14.41 -7.21
N ALA A 123 5.10 15.26 -6.35
CA ALA A 123 3.65 15.22 -6.09
C ALA A 123 2.89 15.47 -7.40
N VAL A 124 3.22 16.54 -8.11
CA VAL A 124 2.62 16.83 -9.45
C VAL A 124 2.86 15.64 -10.38
N LEU A 125 4.08 15.14 -10.45
CA LEU A 125 4.35 13.98 -11.35
C LEU A 125 3.44 12.79 -10.98
N LEU A 126 3.32 12.43 -9.70
CA LEU A 126 2.45 11.30 -9.25
C LEU A 126 0.99 11.62 -9.60
N ALA A 127 0.57 12.85 -9.36
CA ALA A 127 -0.80 13.33 -9.72
C ALA A 127 -1.03 13.11 -11.22
N SER A 128 -0.06 13.40 -12.09
CA SER A 128 -0.20 13.13 -13.55
C SER A 128 -0.48 11.65 -13.81
N TYR A 129 0.09 10.71 -13.08
CA TYR A 129 -0.13 9.27 -13.38
C TYR A 129 -1.51 8.82 -12.86
N ALA A 130 -1.91 9.25 -11.65
CA ALA A 130 -3.29 9.04 -11.16
C ALA A 130 -4.31 9.60 -12.16
N VAL A 131 -4.09 10.82 -12.65
CA VAL A 131 -5.03 11.38 -13.68
C VAL A 131 -5.09 10.45 -14.88
N GLN A 132 -3.95 10.04 -15.43
CA GLN A 132 -3.92 9.09 -16.59
C GLN A 132 -4.70 7.81 -16.27
N SER A 133 -4.63 7.28 -15.04
CA SER A 133 -5.38 6.04 -14.69
C SER A 133 -6.89 6.32 -14.67
N LYS A 134 -7.29 7.40 -14.01
CA LYS A 134 -8.72 7.74 -13.82
C LYS A 134 -9.34 8.19 -15.17
N TYR A 135 -8.71 9.11 -15.90
CA TYR A 135 -9.29 9.80 -17.10
C TYR A 135 -8.82 9.22 -18.44
N GLY A 136 -7.89 8.25 -18.46
CA GLY A 136 -7.36 7.71 -19.73
C GLY A 136 -6.64 8.79 -20.52
N ASP A 137 -6.40 8.54 -21.80
CA ASP A 137 -5.61 9.47 -22.66
C ASP A 137 -6.28 10.84 -22.59
N PHE A 138 -5.52 11.89 -22.28
CA PHE A 138 -5.99 13.29 -22.39
C PHE A 138 -6.60 13.50 -23.78
N ASN A 139 -7.57 14.42 -23.88
CA ASN A 139 -8.41 14.61 -25.10
C ASN A 139 -8.98 16.04 -25.12
N LYS A 140 -8.44 16.91 -25.97
CA LYS A 140 -8.67 18.39 -25.94
C LYS A 140 -10.17 18.68 -26.07
N GLU A 141 -10.90 17.81 -26.77
CA GLU A 141 -12.39 17.82 -26.81
C GLU A 141 -12.93 17.72 -25.39
N VAL A 142 -12.76 16.54 -24.74
CA VAL A 142 -13.46 16.10 -23.50
C VAL A 142 -12.86 16.82 -22.28
N HIS A 143 -11.55 16.99 -22.21
CA HIS A 143 -10.86 17.52 -21.01
C HIS A 143 -10.60 19.03 -21.24
N LYS A 144 -11.66 19.83 -21.17
CA LYS A 144 -11.64 21.34 -21.27
C LYS A 144 -11.19 21.91 -19.93
N SER A 145 -10.91 23.21 -19.85
CA SER A 145 -10.32 23.85 -18.64
C SER A 145 -11.07 23.39 -17.40
N GLY A 146 -10.35 23.18 -16.28
CA GLY A 146 -10.93 22.83 -14.98
C GLY A 146 -11.59 21.46 -14.98
N TYR A 147 -11.19 20.55 -15.89
CA TYR A 147 -11.67 19.13 -15.90
C TYR A 147 -11.07 18.36 -14.71
N LEU A 148 -10.14 18.97 -13.97
CA LEU A 148 -9.50 18.44 -12.74
C LEU A 148 -9.93 19.27 -11.51
N ALA A 149 -10.85 20.22 -11.68
CA ALA A 149 -11.29 21.14 -10.61
C ALA A 149 -11.84 20.32 -9.42
N GLY A 150 -12.56 19.22 -9.67
CA GLY A 150 -13.22 18.43 -8.60
C GLY A 150 -12.37 17.29 -8.07
N ASP A 151 -11.05 17.37 -8.22
CA ASP A 151 -10.11 16.25 -7.95
C ASP A 151 -9.11 16.70 -6.89
N LYS A 152 -8.94 15.93 -5.83
CA LYS A 152 -7.84 16.19 -4.85
C LYS A 152 -6.66 15.36 -5.36
N LEU A 153 -5.63 16.04 -5.85
CA LEU A 153 -4.55 15.43 -6.65
C LEU A 153 -3.19 15.54 -5.92
N LEU A 154 -3.05 16.56 -5.06
CA LEU A 154 -1.83 16.87 -4.28
C LEU A 154 -2.12 16.76 -2.79
N PRO A 155 -1.07 16.60 -1.94
CA PRO A 155 -1.22 16.74 -0.51
C PRO A 155 -1.53 18.18 -0.09
N GLN A 156 -2.25 18.29 1.01
CA GLN A 156 -2.57 19.55 1.72
C GLN A 156 -1.26 20.31 1.98
N ARG A 157 -0.19 19.63 2.37
CA ARG A 157 1.09 20.32 2.71
C ARG A 157 1.64 21.01 1.45
N VAL A 158 1.43 20.43 0.27
CA VAL A 158 1.89 21.00 -1.03
C VAL A 158 1.04 22.23 -1.32
N LEU A 159 -0.26 22.11 -1.08
CA LEU A 159 -1.25 23.17 -1.43
C LEU A 159 -0.94 24.45 -0.65
N GLU A 160 -0.75 24.40 0.67
CA GLU A 160 -0.76 25.64 1.51
C GLU A 160 0.65 26.11 1.91
N GLN A 161 1.72 25.54 1.38
CA GLN A 161 3.09 26.09 1.59
C GLN A 161 3.68 26.57 0.24
N HIS A 162 2.87 26.59 -0.81
CA HIS A 162 3.27 27.10 -2.15
C HIS A 162 2.16 28.03 -2.65
N LYS A 163 2.58 29.13 -3.27
CA LYS A 163 1.70 30.29 -3.54
C LYS A 163 0.72 29.96 -4.67
N LEU A 164 1.04 28.99 -5.53
CA LEU A 164 0.15 28.59 -6.67
C LEU A 164 -1.30 28.46 -6.17
N ASN A 165 -2.27 28.69 -7.06
CA ASN A 165 -3.70 28.37 -6.82
C ASN A 165 -3.98 26.99 -7.41
N LYS A 166 -5.18 26.47 -7.17
CA LYS A 166 -5.53 25.05 -7.44
C LYS A 166 -5.60 24.84 -8.95
N ASP A 167 -5.94 25.89 -9.72
CA ASP A 167 -5.95 25.89 -11.21
C ASP A 167 -4.52 25.87 -11.75
N GLN A 168 -3.60 26.61 -11.13
CA GLN A 168 -2.18 26.68 -11.57
C GLN A 168 -1.53 25.31 -11.28
N TRP A 169 -1.97 24.63 -10.23
CA TRP A 169 -1.52 23.24 -9.95
C TRP A 169 -2.11 22.34 -11.02
N GLU A 170 -3.41 22.48 -11.28
CA GLU A 170 -4.16 21.66 -12.26
C GLU A 170 -3.47 21.77 -13.64
N GLU A 171 -2.91 22.95 -13.96
CA GLU A 171 -2.35 23.25 -15.30
C GLU A 171 -1.02 22.50 -15.44
N ARG A 172 -0.16 22.61 -14.42
CA ARG A 172 1.10 21.83 -14.34
C ARG A 172 0.81 20.33 -14.43
N ILE A 173 -0.27 19.84 -13.83
CA ILE A 173 -0.59 18.37 -13.85
C ILE A 173 -1.08 18.01 -15.25
N GLN A 174 -1.65 18.98 -15.97
CA GLN A 174 -2.23 18.73 -17.32
C GLN A 174 -1.11 18.52 -18.35
N VAL A 175 -0.07 19.36 -18.33
CA VAL A 175 1.13 19.25 -19.22
C VAL A 175 1.64 17.80 -19.17
N TRP A 176 1.93 17.30 -17.97
CA TRP A 176 2.39 15.91 -17.71
C TRP A 176 1.33 14.91 -18.21
N HIS A 177 0.06 15.19 -17.97
CA HIS A 177 -1.02 14.25 -18.39
C HIS A 177 -0.99 14.09 -19.91
N GLU A 178 -0.64 15.15 -20.64
CA GLU A 178 -0.59 15.12 -22.13
C GLU A 178 0.57 14.18 -22.57
N GLU A 179 1.68 14.20 -21.84
CA GLU A 179 2.90 13.41 -22.23
C GLU A 179 2.65 11.91 -22.08
N HIS A 180 1.64 11.50 -21.29
CA HIS A 180 1.34 10.07 -20.98
C HIS A 180 0.35 9.52 -22.00
N ARG A 181 0.01 10.28 -23.03
CA ARG A 181 -0.92 9.79 -24.07
C ARG A 181 -0.35 8.49 -24.61
N GLY A 182 -1.19 7.47 -24.73
CA GLY A 182 -0.80 6.12 -25.17
C GLY A 182 -0.48 5.18 -24.03
N MET A 183 -0.46 5.67 -22.78
CA MET A 183 -0.12 4.82 -21.60
C MET A 183 -1.37 4.05 -21.15
N LEU A 184 -1.25 2.73 -21.03
CA LEU A 184 -2.31 1.90 -20.43
C LEU A 184 -2.62 2.45 -19.04
N ARG A 185 -3.89 2.47 -18.65
CA ARG A 185 -4.36 2.86 -17.28
C ARG A 185 -3.51 2.13 -16.24
N GLU A 186 -3.37 0.82 -16.40
CA GLU A 186 -2.63 -0.07 -15.49
C GLU A 186 -1.15 0.28 -15.50
N ASP A 187 -0.59 0.69 -16.63
CA ASP A 187 0.86 1.02 -16.70
C ASP A 187 1.10 2.35 -15.99
N ALA A 188 0.14 3.28 -16.00
CA ALA A 188 0.29 4.52 -15.20
C ALA A 188 0.27 4.16 -13.70
N VAL A 189 -0.54 3.17 -13.29
CA VAL A 189 -0.59 2.74 -11.86
C VAL A 189 0.81 2.35 -11.41
N LEU A 190 1.51 1.56 -12.21
CA LEU A 190 2.87 1.05 -11.87
C LEU A 190 3.86 2.21 -11.82
N GLU A 191 3.81 3.13 -12.77
CA GLU A 191 4.74 4.29 -12.79
C GLU A 191 4.51 5.08 -11.51
N TYR A 192 3.24 5.27 -11.14
CA TYR A 192 2.87 5.88 -9.84
C TYR A 192 3.67 5.17 -8.74
N LEU A 193 3.56 3.84 -8.69
CA LEU A 193 4.20 3.00 -7.62
C LEU A 193 5.74 3.05 -7.71
N LYS A 194 6.31 3.10 -8.93
CA LYS A 194 7.79 3.14 -9.16
C LYS A 194 8.37 4.44 -8.61
N ILE A 195 7.62 5.54 -8.68
CA ILE A 195 8.07 6.83 -8.08
C ILE A 195 7.84 6.77 -6.58
N ALA A 196 6.71 6.23 -6.13
CA ALA A 196 6.29 6.38 -4.72
C ALA A 196 7.21 5.50 -3.86
N GLN A 197 7.57 4.32 -4.36
CA GLN A 197 8.36 3.31 -3.59
C GLN A 197 9.76 3.85 -3.25
N ASP A 198 10.23 4.91 -3.92
CA ASP A 198 11.56 5.57 -3.72
C ASP A 198 11.52 6.63 -2.60
N LEU A 199 10.34 7.08 -2.18
CA LEU A 199 10.23 8.14 -1.15
C LEU A 199 10.71 7.57 0.19
N GLU A 200 11.29 8.42 1.03
CA GLU A 200 11.97 8.00 2.28
C GLU A 200 10.98 7.31 3.24
N MET A 201 9.68 7.66 3.20
CA MET A 201 8.64 7.30 4.20
C MET A 201 7.71 6.22 3.65
N TYR A 202 7.78 5.96 2.35
CA TYR A 202 7.08 4.82 1.75
C TYR A 202 7.50 3.52 2.45
N GLY A 203 6.53 2.74 2.90
CA GLY A 203 6.71 1.36 3.39
C GLY A 203 7.27 1.31 4.80
N VAL A 204 7.29 2.43 5.52
CA VAL A 204 7.86 2.54 6.89
C VAL A 204 6.72 2.61 7.92
N ASN A 205 6.75 1.72 8.92
CA ASN A 205 5.86 1.84 10.10
C ASN A 205 6.73 2.45 11.18
N TYR A 206 6.35 3.64 11.66
CA TYR A 206 7.02 4.39 12.77
C TYR A 206 6.25 4.17 14.07
N PHE A 207 6.99 4.10 15.16
CA PHE A 207 6.44 4.06 16.55
C PHE A 207 7.25 5.05 17.39
N SER A 208 6.59 5.76 18.31
CA SER A 208 7.30 6.67 19.26
C SER A 208 8.02 5.86 20.34
N ILE A 209 9.33 6.08 20.50
CA ILE A 209 10.20 5.39 21.51
C ILE A 209 11.13 6.39 22.22
N LYS A 210 11.84 5.92 23.26
CA LYS A 210 12.86 6.67 24.06
C LYS A 210 14.14 5.84 24.12
N ASN A 211 15.33 6.44 24.02
CA ASN A 211 16.62 5.72 24.10
C ASN A 211 16.93 5.44 25.59
N LYS A 212 18.12 4.90 25.88
CA LYS A 212 18.57 4.62 27.27
C LYS A 212 18.41 5.89 28.11
N LYS A 213 19.16 6.96 27.77
CA LYS A 213 19.07 8.31 28.39
C LYS A 213 17.59 8.67 28.65
N GLY A 214 16.75 8.58 27.62
CA GLY A 214 15.31 8.90 27.70
C GLY A 214 14.85 9.83 26.59
N SER A 215 15.80 10.36 25.80
CA SER A 215 15.50 11.18 24.59
C SER A 215 14.42 10.48 23.77
N GLU A 216 13.37 11.23 23.39
CA GLU A 216 12.26 10.74 22.52
C GLU A 216 12.80 10.48 21.12
N LEU A 217 12.24 9.50 20.42
CA LEU A 217 12.71 9.05 19.08
C LEU A 217 11.55 8.42 18.30
N TRP A 218 11.83 8.01 17.06
CA TRP A 218 10.94 7.13 16.26
C TRP A 218 11.72 5.84 15.98
N LEU A 219 11.02 4.70 16.02
CA LEU A 219 11.50 3.43 15.40
C LEU A 219 10.76 3.25 14.07
N GLY A 220 11.52 2.86 13.04
CA GLY A 220 10.98 2.48 11.71
C GLY A 220 11.23 1.01 11.39
N VAL A 221 10.22 0.34 10.87
CA VAL A 221 10.32 -1.06 10.41
C VAL A 221 9.84 -1.13 8.97
N ASP A 222 10.65 -1.67 8.07
CA ASP A 222 10.27 -1.79 6.64
C ASP A 222 10.78 -3.13 6.12
N ALA A 223 10.71 -3.35 4.82
CA ALA A 223 11.04 -4.63 4.16
C ALA A 223 12.52 -5.00 4.39
N LEU A 224 13.40 -4.02 4.67
CA LEU A 224 14.88 -4.22 4.72
C LEU A 224 15.40 -4.31 6.15
N GLY A 225 14.65 -3.86 7.15
CA GLY A 225 15.12 -3.90 8.53
C GLY A 225 14.48 -2.84 9.38
N LEU A 226 15.23 -2.38 10.39
CA LEU A 226 14.78 -1.39 11.39
C LEU A 226 15.69 -0.17 11.32
N ASN A 227 15.14 1.00 11.65
CA ASN A 227 15.87 2.29 11.63
C ASN A 227 15.49 3.10 12.88
N ILE A 228 16.44 3.88 13.41
CA ILE A 228 16.20 4.89 14.49
C ILE A 228 16.31 6.28 13.86
N TYR A 229 15.26 7.09 14.02
CA TYR A 229 15.14 8.52 13.58
C TYR A 229 15.01 9.44 14.80
N GLU A 230 15.57 10.65 14.70
CA GLU A 230 15.39 11.76 15.66
C GLU A 230 13.89 12.10 15.71
N GLN A 231 13.41 12.67 16.80
CA GLN A 231 11.97 13.07 16.94
C GLN A 231 11.57 13.94 15.74
N ASN A 232 12.48 14.83 15.30
CA ASN A 232 12.17 15.97 14.39
C ASN A 232 12.23 15.54 12.91
N ASP A 233 12.77 14.36 12.57
CA ASP A 233 13.24 14.04 11.20
C ASP A 233 12.96 12.57 10.82
N ARG A 234 11.74 12.25 10.35
CA ARG A 234 11.40 10.87 9.89
C ARG A 234 11.71 10.65 8.41
N LEU A 235 12.73 11.33 7.84
CA LEU A 235 13.14 11.19 6.41
C LEU A 235 14.45 10.41 6.30
N THR A 236 15.37 10.63 7.24
CA THR A 236 16.74 10.09 7.18
C THR A 236 16.99 9.37 8.51
N PRO A 237 17.38 8.07 8.48
CA PRO A 237 17.80 7.37 9.69
C PRO A 237 19.03 8.00 10.36
N LYS A 238 19.05 7.99 11.69
CA LYS A 238 20.27 8.22 12.51
C LYS A 238 21.19 7.02 12.37
N ILE A 239 20.70 5.80 12.66
CA ILE A 239 21.42 4.52 12.39
C ILE A 239 20.47 3.58 11.65
N GLY A 240 21.03 2.69 10.80
CA GLY A 240 20.27 1.66 10.07
C GLY A 240 20.57 0.27 10.62
N PHE A 241 19.53 -0.51 10.90
CA PHE A 241 19.63 -1.93 11.33
C PHE A 241 19.03 -2.86 10.28
N PRO A 242 19.81 -3.19 9.22
CA PRO A 242 19.38 -4.19 8.24
C PRO A 242 19.53 -5.61 8.79
N TRP A 243 18.65 -6.51 8.33
CA TRP A 243 18.54 -7.90 8.86
C TRP A 243 19.92 -8.50 9.00
N SER A 244 20.73 -8.36 7.96
CA SER A 244 22.07 -8.98 7.84
C SER A 244 22.91 -8.62 9.07
N GLU A 245 22.75 -7.40 9.58
CA GLU A 245 23.56 -6.83 10.69
C GLU A 245 22.91 -7.10 12.05
N ILE A 246 21.82 -7.86 12.12
CA ILE A 246 21.06 -8.12 13.39
C ILE A 246 21.16 -9.61 13.74
N ARG A 247 21.45 -9.90 15.01
CA ARG A 247 21.51 -11.29 15.54
C ARG A 247 20.08 -11.66 15.93
N ASN A 248 19.51 -10.89 16.85
CA ASN A 248 18.13 -11.17 17.32
C ASN A 248 17.49 -9.87 17.78
N ILE A 249 16.19 -9.95 18.03
CA ILE A 249 15.34 -8.80 18.43
C ILE A 249 14.38 -9.32 19.48
N SER A 250 14.27 -8.60 20.59
CA SER A 250 13.63 -9.10 21.82
C SER A 250 12.87 -7.94 22.46
N PHE A 251 11.73 -8.25 23.09
CA PHE A 251 11.09 -7.36 24.09
C PHE A 251 10.98 -8.08 25.43
N ASN A 252 11.15 -7.30 26.49
CA ASN A 252 10.73 -7.65 27.87
C ASN A 252 9.81 -6.52 28.35
N ASP A 253 8.50 -6.70 28.27
CA ASP A 253 7.51 -5.67 28.66
C ASP A 253 7.76 -4.41 27.83
N LYS A 254 8.11 -3.28 28.46
CA LYS A 254 8.30 -1.96 27.79
C LYS A 254 9.69 -1.87 27.17
N LYS A 255 10.60 -2.76 27.55
CA LYS A 255 12.02 -2.73 27.10
C LYS A 255 12.09 -3.48 25.77
N PHE A 256 12.65 -2.85 24.73
CA PHE A 256 12.84 -3.48 23.41
C PHE A 256 14.33 -3.45 23.07
N VAL A 257 14.88 -4.59 22.63
CA VAL A 257 16.36 -4.79 22.48
C VAL A 257 16.68 -5.23 21.05
N ILE A 258 17.73 -4.64 20.48
CA ILE A 258 18.34 -5.07 19.19
C ILE A 258 19.76 -5.53 19.49
N LYS A 259 20.05 -6.81 19.30
CA LYS A 259 21.39 -7.39 19.50
C LYS A 259 22.04 -7.53 18.12
N PRO A 260 23.21 -6.89 17.87
CA PRO A 260 23.91 -7.02 16.60
C PRO A 260 24.45 -8.42 16.35
N ILE A 261 24.86 -8.68 15.11
CA ILE A 261 25.55 -9.93 14.68
C ILE A 261 26.87 -10.01 15.42
N ASP A 262 27.62 -8.90 15.44
CA ASP A 262 28.99 -8.79 16.00
C ASP A 262 28.85 -8.98 17.51
N LYS A 263 29.24 -10.18 17.99
CA LYS A 263 29.06 -10.63 19.39
C LYS A 263 29.86 -9.70 20.29
N LYS A 264 30.95 -9.11 19.78
CA LYS A 264 31.84 -8.21 20.54
C LYS A 264 31.28 -6.78 20.52
N ALA A 265 30.24 -6.50 19.72
CA ALA A 265 29.59 -5.17 19.63
C ALA A 265 28.47 -5.05 20.66
N PRO A 266 28.24 -3.85 21.24
CA PRO A 266 27.26 -3.70 22.32
C PRO A 266 25.83 -3.70 21.75
N ASP A 267 24.87 -4.18 22.54
CA ASP A 267 23.42 -4.18 22.19
C ASP A 267 22.87 -2.75 22.15
N PHE A 268 21.85 -2.52 21.32
CA PHE A 268 21.04 -1.28 21.28
C PHE A 268 19.74 -1.55 21.98
N VAL A 269 19.39 -0.69 22.94
CA VAL A 269 18.23 -0.89 23.87
C VAL A 269 17.32 0.32 23.74
N PHE A 270 16.01 0.09 23.80
CA PHE A 270 14.95 1.12 23.67
C PHE A 270 13.80 0.73 24.58
N TYR A 271 12.94 1.69 24.88
CA TYR A 271 11.75 1.55 25.74
C TYR A 271 10.56 2.03 24.92
N ALA A 272 9.38 1.47 25.15
CA ALA A 272 8.16 1.82 24.42
C ALA A 272 7.03 2.08 25.41
N PRO A 273 6.05 2.95 25.07
CA PRO A 273 5.01 3.35 26.01
C PRO A 273 4.24 2.18 26.64
N ARG A 274 4.09 1.06 25.92
CA ARG A 274 3.37 -0.13 26.42
C ARG A 274 3.88 -1.39 25.73
N LEU A 275 3.64 -2.53 26.36
CA LEU A 275 3.91 -3.90 25.85
C LEU A 275 3.28 -4.05 24.45
N ARG A 276 2.03 -3.62 24.27
CA ARG A 276 1.26 -3.75 23.01
C ARG A 276 2.10 -3.22 21.84
N ILE A 277 2.71 -2.05 22.01
CA ILE A 277 3.59 -1.43 20.98
C ILE A 277 4.71 -2.42 20.64
N ASN A 278 5.24 -3.08 21.66
CA ASN A 278 6.41 -3.97 21.51
C ASN A 278 6.00 -5.27 20.80
N LYS A 279 4.79 -5.75 21.06
CA LYS A 279 4.24 -6.93 20.36
C LYS A 279 4.07 -6.57 18.88
N ARG A 280 3.38 -5.45 18.60
CA ARG A 280 3.09 -4.95 17.22
C ARG A 280 4.43 -4.81 16.48
N ILE A 281 5.48 -4.27 17.13
CA ILE A 281 6.78 -4.04 16.44
C ILE A 281 7.45 -5.36 16.06
N LEU A 282 7.33 -6.38 16.91
CA LEU A 282 8.09 -7.63 16.72
C LEU A 282 7.41 -8.44 15.62
N ALA A 283 6.08 -8.51 15.65
CA ALA A 283 5.23 -9.11 14.60
C ALA A 283 5.60 -8.52 13.22
N LEU A 284 5.81 -7.20 13.13
CA LEU A 284 6.07 -6.51 11.83
C LEU A 284 7.47 -6.90 11.34
N CYS A 285 8.45 -6.96 12.26
CA CYS A 285 9.82 -7.43 11.95
C CYS A 285 9.80 -8.87 11.43
N MET A 286 9.09 -9.76 12.13
CA MET A 286 8.93 -11.20 11.81
C MET A 286 8.36 -11.32 10.39
N GLY A 287 7.26 -10.61 10.12
CA GLY A 287 6.56 -10.62 8.83
C GLY A 287 7.46 -10.09 7.74
N ASN A 288 8.09 -8.94 7.99
CA ASN A 288 9.02 -8.31 7.01
C ASN A 288 10.24 -9.22 6.75
N HIS A 289 10.81 -9.85 7.79
CA HIS A 289 11.99 -10.73 7.65
C HIS A 289 11.61 -11.99 6.85
N GLU A 290 10.46 -12.60 7.18
CA GLU A 290 9.90 -13.80 6.50
C GLU A 290 9.84 -13.55 4.98
N LEU A 291 9.37 -12.38 4.52
CA LEU A 291 9.19 -12.07 3.07
C LEU A 291 10.52 -11.66 2.44
N TYR A 292 11.40 -11.02 3.21
CA TYR A 292 12.79 -10.70 2.81
C TYR A 292 13.50 -11.97 2.36
N MET A 293 13.45 -12.99 3.22
CA MET A 293 14.07 -14.31 2.95
C MET A 293 13.33 -14.99 1.79
N ARG A 294 12.00 -14.97 1.74
CA ARG A 294 11.26 -15.64 0.63
C ARG A 294 11.58 -14.97 -0.71
N ARG A 295 11.85 -13.67 -0.68
CA ARG A 295 12.10 -12.82 -1.88
C ARG A 295 13.40 -13.28 -2.55
N ARG A 296 14.28 -13.90 -1.75
CA ARG A 296 15.66 -14.31 -2.13
C ARG A 296 15.69 -15.84 -2.23
N LYS A 297 14.69 -16.40 -2.92
CA LYS A 297 14.52 -17.85 -3.16
C LYS A 297 13.71 -17.97 -4.44
N PRO A 298 13.92 -19.01 -5.28
CA PRO A 298 13.20 -19.10 -6.54
C PRO A 298 11.69 -19.08 -6.30
N ASP A 299 10.95 -18.38 -7.16
CA ASP A 299 9.46 -18.42 -7.22
C ASP A 299 9.04 -19.86 -6.88
N THR A 300 8.06 -20.04 -5.99
CA THR A 300 7.38 -21.35 -5.78
C THR A 300 6.72 -21.73 -7.11
N ILE A 301 6.25 -22.97 -7.25
CA ILE A 301 5.51 -23.43 -8.47
C ILE A 301 4.24 -22.57 -8.59
N GLU A 302 3.47 -22.50 -7.50
CA GLU A 302 2.24 -21.68 -7.35
C GLU A 302 2.45 -20.30 -8.00
N VAL A 303 3.56 -19.60 -7.67
CA VAL A 303 3.85 -18.19 -8.08
C VAL A 303 4.09 -18.13 -9.59
N GLN A 304 4.75 -19.15 -10.14
CA GLN A 304 5.00 -19.26 -11.61
C GLN A 304 3.66 -19.28 -12.33
N GLN A 305 2.66 -19.98 -11.77
CA GLN A 305 1.31 -20.17 -12.35
C GLN A 305 0.51 -18.86 -12.27
N MET A 306 0.70 -18.10 -11.17
CA MET A 306 0.15 -16.73 -11.00
C MET A 306 0.76 -15.80 -12.04
N LYS A 307 2.08 -15.87 -12.21
CA LYS A 307 2.81 -15.04 -13.20
C LYS A 307 2.21 -15.29 -14.60
N ALA A 308 1.93 -16.56 -14.92
CA ALA A 308 1.36 -17.03 -16.21
C ALA A 308 -0.12 -16.67 -16.29
N GLN A 309 -0.91 -17.07 -15.29
CA GLN A 309 -2.36 -16.74 -15.25
C GLN A 309 -2.48 -15.23 -15.50
N ALA A 310 -1.62 -14.43 -14.86
CA ALA A 310 -1.59 -12.95 -14.99
C ALA A 310 -1.31 -12.55 -16.45
N ARG A 311 -0.36 -13.22 -17.09
CA ARG A 311 0.12 -12.90 -18.47
C ARG A 311 -1.01 -13.20 -19.47
N GLU A 312 -1.67 -14.38 -19.36
CA GLU A 312 -2.85 -14.78 -20.20
C GLU A 312 -3.90 -13.67 -20.16
N GLU A 313 -4.32 -13.30 -18.94
CA GLU A 313 -5.46 -12.38 -18.64
C GLU A 313 -5.18 -10.98 -19.22
N LYS A 314 -3.96 -10.46 -19.06
CA LYS A 314 -3.57 -9.11 -19.60
C LYS A 314 -3.65 -9.16 -21.12
N HIS A 315 -3.15 -10.23 -21.74
CA HIS A 315 -3.27 -10.47 -23.20
C HIS A 315 -4.73 -10.40 -23.63
N GLN A 316 -5.61 -11.18 -22.99
CA GLN A 316 -7.08 -11.19 -23.29
C GLN A 316 -7.61 -9.75 -23.26
N LYS A 317 -7.27 -9.00 -22.21
CA LYS A 317 -7.70 -7.59 -22.02
C LYS A 317 -7.14 -6.71 -23.15
N GLN A 318 -5.89 -6.98 -23.56
CA GLN A 318 -5.20 -6.16 -24.59
C GLN A 318 -6.00 -6.30 -25.90
N MET A 319 -6.36 -7.55 -26.24
CA MET A 319 -7.17 -7.88 -27.44
C MET A 319 -8.59 -7.31 -27.31
N GLU A 320 -9.22 -7.42 -26.14
CA GLU A 320 -10.59 -6.87 -25.90
C GLU A 320 -10.61 -5.35 -26.03
N ARG A 321 -9.46 -4.68 -25.86
CA ARG A 321 -9.34 -3.21 -26.01
C ARG A 321 -9.10 -2.86 -27.49
N ALA A 322 -8.52 -3.79 -28.26
CA ALA A 322 -8.24 -3.61 -29.70
C ALA A 322 -9.52 -3.88 -30.49
N MET A 323 -10.22 -4.97 -30.15
CA MET A 323 -11.52 -5.39 -30.76
C MET A 323 -12.52 -4.24 -30.59
N LEU A 324 -12.57 -3.65 -29.40
CA LEU A 324 -13.41 -2.46 -29.08
C LEU A 324 -12.96 -1.29 -29.96
N GLU A 325 -11.71 -0.83 -29.79
CA GLU A 325 -11.14 0.33 -30.52
C GLU A 325 -11.38 0.21 -32.03
N ASN A 326 -11.45 -1.02 -32.57
CA ASN A 326 -11.59 -1.30 -34.03
C ASN A 326 -13.03 -0.98 -34.48
N GLU A 327 -14.03 -1.30 -33.64
CA GLU A 327 -15.48 -1.06 -33.94
C GLU A 327 -15.81 0.43 -33.78
N LYS A 328 -15.14 1.11 -32.84
CA LYS A 328 -15.30 2.58 -32.61
C LYS A 328 -14.87 3.36 -33.87
N LYS A 329 -13.68 3.07 -34.40
CA LYS A 329 -13.10 3.73 -35.61
C LYS A 329 -13.95 3.42 -36.85
N LYS A 330 -14.72 2.32 -36.83
CA LYS A 330 -15.78 2.04 -37.84
C LYS A 330 -16.90 3.07 -37.69
N ARG A 331 -17.31 3.37 -36.45
CA ARG A 331 -18.44 4.28 -36.11
C ARG A 331 -18.04 5.76 -36.26
N GLU A 332 -16.84 6.16 -35.81
CA GLU A 332 -16.34 7.57 -35.93
C GLU A 332 -16.25 7.93 -37.41
N MET A 333 -15.92 6.97 -38.26
CA MET A 333 -15.87 7.09 -39.75
C MET A 333 -17.29 7.15 -40.31
N ALA A 334 -18.09 6.11 -40.05
CA ALA A 334 -19.51 5.98 -40.48
C ALA A 334 -20.28 7.28 -40.21
N GLU A 335 -19.74 8.19 -39.41
CA GLU A 335 -20.28 9.56 -39.19
C GLU A 335 -19.59 10.54 -40.15
N LYS A 336 -18.28 10.42 -40.36
CA LYS A 336 -17.48 11.20 -41.36
C LYS A 336 -18.02 11.00 -42.77
N GLU A 337 -18.60 9.83 -43.06
CA GLU A 337 -19.23 9.44 -44.35
C GLU A 337 -20.60 10.13 -44.50
N LYS A 338 -21.44 10.03 -43.47
CA LYS A 338 -22.81 10.61 -43.41
C LYS A 338 -22.73 12.14 -43.20
N GLU A 339 -21.59 12.65 -42.72
CA GLU A 339 -21.36 14.11 -42.52
C GLU A 339 -20.89 14.77 -43.83
N LYS A 340 -20.27 13.99 -44.71
CA LYS A 340 -19.77 14.49 -46.02
C LYS A 340 -20.84 14.27 -47.09
N ILE A 341 -21.65 13.22 -46.98
CA ILE A 341 -22.83 12.97 -47.87
C ILE A 341 -23.81 14.15 -47.69
N GLU A 342 -24.06 14.57 -46.45
CA GLU A 342 -24.83 15.81 -46.15
C GLU A 342 -24.14 16.98 -46.87
N ARG A 343 -22.94 17.37 -46.41
CA ARG A 343 -22.18 18.53 -46.97
C ARG A 343 -21.69 18.20 -48.38
N GLN B 1 6.37 -10.04 30.26
CA GLN B 1 6.31 -10.94 29.09
C GLN B 1 7.57 -10.72 28.25
N LYS B 2 8.11 -11.79 27.66
CA LYS B 2 9.37 -11.75 26.86
C LYS B 2 9.12 -12.49 25.55
N LYS B 3 9.89 -12.15 24.51
CA LYS B 3 9.87 -12.86 23.22
C LYS B 3 11.13 -12.50 22.42
N LYS B 4 11.71 -13.49 21.75
CA LYS B 4 12.98 -13.40 20.98
C LYS B 4 12.68 -13.80 19.55
N LEU B 5 13.09 -12.95 18.61
CA LEU B 5 13.04 -13.27 17.18
C LEU B 5 14.50 -13.44 16.75
N VAL B 6 14.88 -14.67 16.40
CA VAL B 6 16.21 -14.95 15.77
C VAL B 6 16.11 -14.40 14.35
N ILE B 7 17.05 -13.53 13.95
CA ILE B 7 17.14 -12.97 12.58
C ILE B 7 18.25 -13.73 11.84
N ASN B 8 19.32 -14.08 12.57
CA ASN B 8 20.52 -14.80 12.03
C ASN B 8 20.99 -15.82 13.07
#